data_3X1J
#
_entry.id   3X1J
#
_cell.length_a   104.900
_cell.length_b   120.700
_cell.length_c   90.090
_cell.angle_alpha   90.00
_cell.angle_beta   90.00
_cell.angle_gamma   90.00
#
_symmetry.space_group_name_H-M   'C 2 2 21'
#
loop_
_entity.id
_entity.type
_entity.pdbx_description
1 polymer 'Phosphopantetheine adenylyltransferase'
2 non-polymer 'ACETYL COENZYME *A'
3 non-polymer 'PHOSPHATE ION'
4 non-polymer GLYCEROL
5 non-polymer 'DIMETHYL SULFOXIDE'
6 non-polymer DI(HYDROXYETHYL)ETHER
7 water water
#
_entity_poly.entity_id   1
_entity_poly.type   'polypeptide(L)'
_entity_poly.pdbx_seq_one_letter_code
;MNRVLYPGTFDPITKGHGDLIERASRLFDHVIIAVAASPKKNPLFSLEQRVALAQEVTKHLPNVEVVGFSTLLAHFVKEQ
KANVFLRGLRAVSDFEYEFQLANMNRQLAPDVESMFLTPSEKYSFISSTLVREIAALGGDISKFVHPAVADALAERFKR
;
_entity_poly.pdbx_strand_id   A,B,C
#
# COMPACT_ATOMS: atom_id res chain seq x y z
N MET A 1 19.52 -33.07 2.30
CA MET A 1 18.90 -32.25 3.33
C MET A 1 18.31 -30.98 2.72
N ASN A 2 17.25 -30.47 3.33
CA ASN A 2 16.67 -29.22 2.88
C ASN A 2 17.16 -28.13 3.81
N ARG A 3 17.64 -27.03 3.24
CA ARG A 3 18.01 -25.89 4.03
C ARG A 3 17.03 -24.80 3.62
N VAL A 4 16.17 -24.42 4.55
CA VAL A 4 15.10 -23.50 4.23
C VAL A 4 15.46 -22.11 4.71
N LEU A 5 15.26 -21.13 3.84
CA LEU A 5 15.61 -19.79 4.21
C LEU A 5 14.33 -18.96 4.29
N TYR A 6 14.12 -18.37 5.47
CA TYR A 6 12.95 -17.58 5.79
C TYR A 6 13.33 -16.10 5.88
N PRO A 7 13.15 -15.35 4.77
CA PRO A 7 13.59 -13.96 4.72
C PRO A 7 12.55 -12.87 4.95
N GLY A 8 12.77 -12.03 5.94
CA GLY A 8 11.87 -10.94 6.24
C GLY A 8 12.57 -9.77 6.90
N THR A 9 11.80 -8.76 7.19
CA THR A 9 12.29 -7.59 7.87
C THR A 9 12.28 -7.78 9.37
N PHE A 10 11.29 -8.53 9.87
CA PHE A 10 11.12 -8.82 11.29
C PHE A 10 11.34 -7.59 12.19
N ASP A 11 10.44 -6.61 12.07
CA ASP A 11 10.58 -5.34 12.78
C ASP A 11 9.41 -5.05 13.70
N PRO A 12 9.31 -5.76 14.81
CA PRO A 12 10.14 -6.87 15.25
C PRO A 12 9.48 -8.20 14.85
N ILE A 13 10.14 -9.30 15.17
CA ILE A 13 9.57 -10.62 14.98
C ILE A 13 8.37 -10.72 15.94
N THR A 14 7.31 -11.35 15.48
CA THR A 14 6.03 -11.44 16.20
C THR A 14 5.67 -12.89 16.48
N LYS A 15 4.54 -13.11 17.17
CA LYS A 15 4.12 -14.48 17.45
C LYS A 15 3.64 -15.19 16.20
N GLY A 16 3.32 -14.43 15.15
CA GLY A 16 2.97 -15.02 13.87
C GLY A 16 4.21 -15.64 13.23
N HIS A 17 5.31 -14.86 13.19
CA HIS A 17 6.57 -15.38 12.68
C HIS A 17 7.00 -16.55 13.53
N GLY A 18 6.87 -16.40 14.85
CA GLY A 18 7.38 -17.39 15.78
C GLY A 18 6.62 -18.70 15.62
N ASP A 19 5.34 -18.59 15.34
CA ASP A 19 4.56 -19.78 15.06
C ASP A 19 5.09 -20.48 13.80
N LEU A 20 5.28 -19.71 12.73
CA LEU A 20 5.79 -20.26 11.48
C LEU A 20 7.13 -20.92 11.66
N ILE A 21 7.96 -20.35 12.53
CA ILE A 21 9.30 -20.88 12.70
C ILE A 21 9.29 -22.18 13.50
N GLU A 22 8.48 -22.22 14.55
CA GLU A 22 8.19 -23.46 15.27
C GLU A 22 7.80 -24.56 14.27
N ARG A 23 6.85 -24.22 13.37
CA ARG A 23 6.34 -25.19 12.42
C ARG A 23 7.40 -25.60 11.39
N ALA A 24 8.24 -24.64 11.00
CA ALA A 24 9.26 -24.90 9.98
C ALA A 24 10.39 -25.74 10.53
N SER A 25 10.70 -25.57 11.81
CA SER A 25 11.77 -26.36 12.39
C SER A 25 11.37 -27.82 12.54
N ARG A 26 10.07 -28.08 12.57
CA ARG A 26 9.58 -29.43 12.75
C ARG A 26 9.48 -30.12 11.40
N LEU A 27 9.59 -29.36 10.32
CA LEU A 27 9.55 -29.96 8.98
C LEU A 27 10.94 -30.09 8.35
N PHE A 28 11.83 -29.16 8.62
CA PHE A 28 13.09 -29.16 7.88
C PHE A 28 14.29 -29.34 8.79
N ASP A 29 15.38 -29.86 8.23
CA ASP A 29 16.59 -30.08 9.01
C ASP A 29 17.29 -28.79 9.38
N HIS A 30 17.25 -27.79 8.49
CA HIS A 30 17.95 -26.55 8.74
C HIS A 30 17.10 -25.34 8.36
N VAL A 31 16.86 -24.46 9.32
CA VAL A 31 16.07 -23.26 9.08
C VAL A 31 16.89 -22.00 9.33
N ILE A 32 17.07 -21.19 8.30
CA ILE A 32 17.78 -19.95 8.49
C ILE A 32 16.82 -18.78 8.39
N ILE A 33 16.78 -18.00 9.47
CA ILE A 33 15.98 -16.78 9.46
C ILE A 33 16.89 -15.67 8.94
N ALA A 34 16.59 -15.21 7.74
CA ALA A 34 17.38 -14.16 7.11
C ALA A 34 16.71 -12.82 7.35
N VAL A 35 17.31 -12.02 8.24
CA VAL A 35 16.74 -10.73 8.57
C VAL A 35 17.27 -9.67 7.63
N ALA A 36 16.38 -9.09 6.83
CA ALA A 36 16.75 -8.10 5.84
C ALA A 36 16.89 -6.71 6.44
N ALA A 37 17.94 -6.00 6.03
CA ALA A 37 18.20 -4.64 6.47
C ALA A 37 16.99 -3.77 6.19
N SER A 38 16.49 -3.87 4.97
CA SER A 38 15.29 -3.16 4.54
C SER A 38 15.33 -1.63 4.80
N PRO A 39 16.37 -0.95 4.31
CA PRO A 39 16.44 0.50 4.60
C PRO A 39 15.23 1.30 4.12
N LYS A 40 14.53 0.86 3.07
CA LYS A 40 13.37 1.59 2.55
C LYS A 40 12.24 1.64 3.56
N LYS A 41 12.17 0.62 4.40
CA LYS A 41 11.12 0.52 5.41
C LYS A 41 11.37 1.39 6.65
N ASN A 42 12.56 2.00 6.73
CA ASN A 42 12.98 2.74 7.93
C ASN A 42 12.68 1.95 9.21
N PRO A 43 13.34 0.79 9.40
CA PRO A 43 12.91 -0.04 10.52
C PRO A 43 13.02 0.65 11.87
N LEU A 44 12.06 0.34 12.74
CA LEU A 44 12.04 0.84 14.09
C LEU A 44 13.28 0.35 14.87
N PHE A 45 13.59 -0.92 14.68
CA PHE A 45 14.74 -1.51 15.33
C PHE A 45 15.90 -1.66 14.34
N SER A 46 17.13 -1.53 14.84
CA SER A 46 18.25 -1.76 13.96
C SER A 46 18.34 -3.23 13.62
N LEU A 47 19.02 -3.51 12.49
CA LEU A 47 19.23 -4.85 11.99
C LEU A 47 19.83 -5.71 13.09
N GLU A 48 20.85 -5.16 13.75
CA GLU A 48 21.51 -5.84 14.86
C GLU A 48 20.50 -6.17 15.98
N GLN A 49 19.58 -5.23 16.30
CA GLN A 49 18.56 -5.49 17.33
C GLN A 49 17.56 -6.55 16.85
N ARG A 50 17.16 -6.46 15.58
CA ARG A 50 16.17 -7.37 15.02
C ARG A 50 16.72 -8.80 14.97
N VAL A 51 17.98 -8.95 14.60
CA VAL A 51 18.62 -10.25 14.68
C VAL A 51 18.70 -10.78 16.13
N ALA A 52 19.01 -9.91 17.10
CA ALA A 52 19.16 -10.37 18.48
C ALA A 52 17.82 -10.84 19.00
N LEU A 53 16.77 -10.14 18.60
CA LEU A 53 15.44 -10.53 19.02
C LEU A 53 15.02 -11.88 18.41
N ALA A 54 15.31 -12.07 17.11
CA ALA A 54 14.99 -13.31 16.46
C ALA A 54 15.82 -14.45 17.04
N GLN A 55 17.07 -14.15 17.39
CA GLN A 55 17.92 -15.17 18.02
C GLN A 55 17.35 -15.56 19.37
N GLU A 56 16.92 -14.57 20.14
CA GLU A 56 16.35 -14.82 21.44
C GLU A 56 15.08 -15.68 21.33
N VAL A 57 14.24 -15.41 20.34
CA VAL A 57 12.95 -16.06 20.23
C VAL A 57 13.08 -17.50 19.71
N THR A 58 14.22 -17.84 19.12
CA THR A 58 14.37 -19.16 18.51
C THR A 58 15.53 -19.96 19.10
N LYS A 59 16.15 -19.47 20.16
CA LYS A 59 17.37 -20.10 20.68
C LYS A 59 17.13 -21.52 21.18
N HIS A 60 15.87 -21.80 21.51
CA HIS A 60 15.48 -23.12 22.01
C HIS A 60 15.31 -24.13 20.87
N LEU A 61 15.43 -23.65 19.63
CA LEU A 61 15.30 -24.53 18.47
C LEU A 61 16.66 -24.71 17.82
N PRO A 62 17.22 -25.93 17.94
CA PRO A 62 18.60 -26.31 17.59
C PRO A 62 18.86 -26.34 16.10
N ASN A 63 17.82 -26.56 15.30
CA ASN A 63 18.00 -26.60 13.87
C ASN A 63 17.75 -25.23 13.22
N VAL A 64 17.57 -24.22 14.07
CA VAL A 64 17.27 -22.86 13.60
C VAL A 64 18.40 -21.87 13.88
N GLU A 65 18.81 -21.16 12.83
CA GLU A 65 19.88 -20.16 12.90
C GLU A 65 19.40 -18.80 12.32
N VAL A 66 19.95 -17.71 12.84
CA VAL A 66 19.52 -16.36 12.44
C VAL A 66 20.69 -15.55 11.92
N VAL A 67 20.47 -14.83 10.82
CA VAL A 67 21.53 -13.98 10.28
C VAL A 67 20.94 -12.76 9.59
N GLY A 68 21.64 -11.64 9.65
CA GLY A 68 21.19 -10.45 8.96
C GLY A 68 21.89 -10.32 7.61
N PHE A 69 21.26 -9.65 6.68
CA PHE A 69 21.85 -9.49 5.37
C PHE A 69 21.28 -8.22 4.77
N SER A 70 22.11 -7.58 3.95
CA SER A 70 21.75 -6.32 3.34
C SER A 70 21.91 -6.41 1.83
N THR A 71 22.19 -7.61 1.34
CA THR A 71 22.37 -7.84 -0.08
C THR A 71 21.10 -8.31 -0.76
N LEU A 72 21.21 -8.58 -2.06
CA LEU A 72 20.08 -9.10 -2.83
C LEU A 72 19.74 -10.51 -2.30
N LEU A 73 18.46 -10.74 -2.01
CA LEU A 73 18.05 -12.03 -1.48
C LEU A 73 18.51 -13.15 -2.40
N ALA A 74 18.40 -12.94 -3.70
CA ALA A 74 18.74 -13.98 -4.65
C ALA A 74 20.23 -14.30 -4.64
N HIS A 75 21.08 -13.37 -4.20
CA HIS A 75 22.52 -13.63 -4.04
C HIS A 75 22.76 -14.31 -2.69
N PHE A 76 22.14 -13.78 -1.65
CA PHE A 76 22.35 -14.25 -0.29
C PHE A 76 21.94 -15.72 -0.06
N VAL A 77 20.88 -16.16 -0.73
CA VAL A 77 20.43 -17.53 -0.56
C VAL A 77 21.45 -18.52 -1.13
N LYS A 78 22.23 -18.10 -2.14
CA LYS A 78 23.27 -18.97 -2.68
C LYS A 78 24.48 -19.01 -1.74
N GLU A 79 24.83 -17.87 -1.15
CA GLU A 79 25.92 -17.83 -0.18
C GLU A 79 25.54 -18.70 1.02
N GLN A 80 24.24 -18.84 1.25
CA GLN A 80 23.75 -19.63 2.37
C GLN A 80 23.49 -21.07 1.93
N LYS A 81 23.56 -21.31 0.63
CA LYS A 81 23.36 -22.65 0.07
C LYS A 81 22.00 -23.24 0.46
N ALA A 82 20.97 -22.40 0.51
CA ALA A 82 19.63 -22.90 0.80
C ALA A 82 18.93 -23.21 -0.52
N ASN A 83 18.10 -24.25 -0.53
CA ASN A 83 17.41 -24.61 -1.76
C ASN A 83 15.91 -24.35 -1.67
N VAL A 84 15.46 -23.82 -0.54
CA VAL A 84 14.05 -23.49 -0.34
C VAL A 84 13.83 -22.12 0.30
N PHE A 85 12.91 -21.35 -0.28
CA PHE A 85 12.39 -20.12 0.29
C PHE A 85 11.13 -20.43 1.10
N LEU A 86 11.05 -19.93 2.32
CA LEU A 86 9.82 -19.98 3.12
C LEU A 86 9.21 -18.60 3.23
N ARG A 87 7.90 -18.52 3.07
CA ARG A 87 7.18 -17.26 3.31
C ARG A 87 5.85 -17.57 3.99
N GLY A 88 5.36 -16.65 4.83
CA GLY A 88 4.05 -16.85 5.43
C GLY A 88 2.89 -16.16 4.73
N LEU A 89 1.75 -16.86 4.65
CA LEU A 89 0.49 -16.36 4.09
C LEU A 89 -0.65 -16.22 5.11
N ARG A 90 -1.15 -14.99 5.29
CA ARG A 90 -2.16 -14.69 6.32
C ARG A 90 -3.66 -14.45 6.00
N ALA A 91 -4.09 -13.26 5.53
CA ALA A 91 -5.56 -12.99 5.41
C ALA A 91 -6.05 -12.66 4.00
N VAL A 92 -5.37 -11.77 3.32
CA VAL A 92 -5.40 -12.00 1.90
C VAL A 92 -3.97 -12.49 1.65
N SER A 93 -2.92 -11.71 2.02
CA SER A 93 -2.96 -10.35 2.61
C SER A 93 -1.97 -9.56 1.81
N ASP A 94 -0.68 -9.88 1.91
CA ASP A 94 0.17 -9.41 0.83
C ASP A 94 0.56 -10.69 0.11
N PHE A 95 -0.38 -11.08 -0.76
CA PHE A 95 -0.50 -12.42 -1.33
C PHE A 95 -0.24 -12.40 -2.82
N GLU A 96 -0.66 -11.31 -3.48
CA GLU A 96 -0.35 -11.08 -4.88
C GLU A 96 1.13 -10.98 -4.96
N TYR A 97 1.58 -10.27 -3.95
CA TYR A 97 2.91 -9.77 -3.84
C TYR A 97 3.88 -10.91 -3.64
N GLU A 98 3.41 -11.94 -2.97
CA GLU A 98 4.21 -13.13 -2.77
C GLU A 98 4.35 -13.92 -4.08
N PHE A 99 3.34 -13.88 -4.95
CA PHE A 99 3.42 -14.50 -6.29
C PHE A 99 4.40 -13.79 -7.21
N GLN A 100 4.30 -12.48 -7.18
CA GLN A 100 5.16 -11.64 -7.97
C GLN A 100 6.60 -11.78 -7.46
N LEU A 101 6.75 -11.85 -6.14
CA LEU A 101 8.06 -11.93 -5.52
C LEU A 101 8.73 -13.27 -5.86
N ALA A 102 7.91 -14.32 -5.79
CA ALA A 102 8.32 -15.66 -6.08
C ALA A 102 8.67 -15.78 -7.55
N ASN A 103 7.93 -15.05 -8.38
CA ASN A 103 8.07 -15.18 -9.83
C ASN A 103 9.42 -14.61 -10.23
N MET A 104 9.73 -13.45 -9.68
CA MET A 104 10.94 -12.72 -9.98
C MET A 104 12.14 -13.41 -9.38
N ASN A 105 11.96 -14.06 -8.23
CA ASN A 105 13.07 -14.81 -7.65
C ASN A 105 13.31 -16.15 -8.35
N ARG A 106 12.27 -16.67 -9.00
CA ARG A 106 12.46 -17.88 -9.79
C ARG A 106 13.32 -17.55 -11.01
N GLN A 107 13.30 -16.29 -11.46
CA GLN A 107 14.16 -15.88 -12.56
C GLN A 107 15.58 -15.63 -12.10
N LEU A 108 15.74 -15.12 -10.87
CA LEU A 108 17.05 -14.75 -10.33
C LEU A 108 17.74 -15.89 -9.62
N ALA A 109 16.95 -16.84 -9.10
CA ALA A 109 17.47 -18.03 -8.43
C ALA A 109 16.65 -19.25 -8.85
N PRO A 110 16.92 -19.78 -10.04
CA PRO A 110 16.08 -20.82 -10.63
C PRO A 110 16.04 -22.10 -9.82
N ASP A 111 17.09 -22.38 -9.06
CA ASP A 111 17.19 -23.67 -8.36
C ASP A 111 16.58 -23.66 -6.97
N VAL A 112 16.03 -22.53 -6.54
CA VAL A 112 15.52 -22.47 -5.17
C VAL A 112 14.01 -22.54 -5.19
N GLU A 113 13.46 -23.44 -4.39
CA GLU A 113 12.01 -23.60 -4.38
C GLU A 113 11.37 -22.54 -3.49
N SER A 114 10.16 -22.12 -3.84
CA SER A 114 9.43 -21.18 -3.01
C SER A 114 8.20 -21.84 -2.43
N MET A 115 8.07 -21.78 -1.11
CA MET A 115 7.02 -22.51 -0.42
C MET A 115 6.34 -21.64 0.62
N PHE A 116 5.10 -21.96 0.98
CA PHE A 116 4.36 -21.12 1.89
C PHE A 116 3.75 -21.90 3.04
N LEU A 117 3.78 -21.29 4.22
CA LEU A 117 3.05 -21.82 5.36
C LEU A 117 2.07 -20.76 5.85
N THR A 118 1.12 -21.22 6.62
CA THR A 118 0.14 -20.35 7.25
C THR A 118 0.21 -20.51 8.77
N PRO A 119 0.08 -19.40 9.51
CA PRO A 119 0.19 -19.53 10.97
C PRO A 119 -1.18 -19.89 11.53
N SER A 120 -1.22 -20.36 12.77
CA SER A 120 -2.46 -20.66 13.48
C SER A 120 -3.45 -19.51 13.44
N GLU A 121 -4.73 -19.87 13.43
CA GLU A 121 -5.83 -18.92 13.52
C GLU A 121 -5.54 -17.81 14.51
N LYS A 122 -4.99 -18.24 15.64
CA LYS A 122 -4.73 -17.40 16.78
C LYS A 122 -3.68 -16.28 16.55
N TYR A 123 -2.74 -16.48 15.63
CA TYR A 123 -1.69 -15.50 15.33
C TYR A 123 -1.84 -14.85 13.96
N SER A 124 -2.95 -15.12 13.31
CA SER A 124 -3.18 -14.42 12.08
C SER A 124 -3.64 -13.07 12.59
N PHE A 125 -3.76 -12.12 11.68
CA PHE A 125 -4.22 -10.80 12.01
C PHE A 125 -3.20 -10.02 12.85
N ILE A 126 -2.02 -10.59 13.10
CA ILE A 126 -0.96 -9.85 13.78
C ILE A 126 0.01 -9.25 12.77
N SER A 127 0.11 -7.94 12.77
CA SER A 127 1.03 -7.29 11.86
C SER A 127 2.09 -6.55 12.67
N SER A 128 3.35 -6.74 12.30
CA SER A 128 4.43 -6.05 12.95
C SER A 128 4.23 -4.53 12.88
N THR A 129 3.62 -4.05 11.80
CA THR A 129 3.31 -2.62 11.68
C THR A 129 2.33 -2.16 12.74
N LEU A 130 1.26 -2.90 12.95
CA LEU A 130 0.28 -2.44 13.92
C LEU A 130 0.87 -2.60 15.32
N VAL A 131 1.70 -3.62 15.51
CA VAL A 131 2.41 -3.80 16.77
C VAL A 131 3.30 -2.60 17.09
N ARG A 132 4.00 -2.08 16.08
CA ARG A 132 4.85 -0.88 16.24
C ARG A 132 4.02 0.34 16.61
N GLU A 133 2.91 0.53 15.89
CA GLU A 133 2.06 1.69 16.07
C GLU A 133 1.29 1.66 17.38
N ILE A 134 0.81 0.49 17.78
CA ILE A 134 0.14 0.36 19.06
C ILE A 134 1.13 0.63 20.21
N ALA A 135 2.34 0.08 20.10
CA ALA A 135 3.34 0.25 21.15
C ALA A 135 3.76 1.71 21.26
N ALA A 136 3.90 2.37 20.11
CA ALA A 136 4.30 3.77 20.08
C ALA A 136 3.27 4.67 20.75
N LEU A 137 2.04 4.20 20.87
CA LEU A 137 0.99 5.00 21.51
C LEU A 137 0.70 4.48 22.91
N GLY A 138 1.59 3.63 23.39
CA GLY A 138 1.50 3.09 24.74
C GLY A 138 0.44 2.02 24.90
N GLY A 139 0.02 1.41 23.80
CA GLY A 139 -0.90 0.31 23.93
C GLY A 139 -0.11 -0.93 24.31
N ASP A 140 -0.77 -1.85 25.00
CA ASP A 140 -0.16 -3.08 25.45
C ASP A 140 -0.06 -4.06 24.30
N ILE A 141 1.17 -4.45 23.96
CA ILE A 141 1.40 -5.32 22.81
C ILE A 141 1.87 -6.72 23.22
N SER A 142 1.82 -7.02 24.52
CA SER A 142 2.38 -8.27 25.08
C SER A 142 1.72 -9.54 24.57
N LYS A 143 0.52 -9.41 24.02
CA LYS A 143 -0.21 -10.56 23.50
C LYS A 143 0.02 -10.78 22.01
N PHE A 144 0.84 -9.93 21.40
CA PHE A 144 1.16 -10.12 20.00
C PHE A 144 2.60 -10.59 19.82
N VAL A 145 3.38 -10.49 20.89
CA VAL A 145 4.81 -10.79 20.80
C VAL A 145 5.37 -11.57 21.99
N HIS A 146 6.54 -12.13 21.76
CA HIS A 146 7.31 -12.84 22.76
C HIS A 146 7.78 -11.84 23.81
N PRO A 147 7.99 -12.31 25.05
CA PRO A 147 8.34 -11.36 26.10
C PRO A 147 9.61 -10.55 25.87
N ALA A 148 10.65 -11.11 25.24
CA ALA A 148 11.84 -10.28 25.01
C ALA A 148 11.51 -9.15 24.01
N VAL A 149 10.63 -9.43 23.06
CA VAL A 149 10.19 -8.41 22.10
C VAL A 149 9.33 -7.37 22.78
N ALA A 150 8.48 -7.81 23.69
CA ALA A 150 7.67 -6.86 24.46
C ALA A 150 8.55 -5.89 25.25
N ASP A 151 9.60 -6.39 25.89
CA ASP A 151 10.49 -5.50 26.62
C ASP A 151 11.18 -4.52 25.69
N ALA A 152 11.67 -5.01 24.57
CA ALA A 152 12.38 -4.16 23.63
C ALA A 152 11.45 -3.08 23.07
N LEU A 153 10.19 -3.41 22.85
CA LEU A 153 9.25 -2.40 22.37
C LEU A 153 9.03 -1.34 23.46
N ALA A 154 8.95 -1.78 24.70
CA ALA A 154 8.75 -0.85 25.82
C ALA A 154 9.97 0.06 25.95
N GLU A 155 11.15 -0.52 25.85
CA GLU A 155 12.35 0.28 25.99
C GLU A 155 12.54 1.16 24.80
N ARG A 156 11.96 0.78 23.67
CA ARG A 156 12.24 1.49 22.43
C ARG A 156 11.71 2.92 22.46
N PHE A 157 10.60 3.11 23.15
CA PHE A 157 9.94 4.39 23.20
C PHE A 157 10.12 5.07 24.56
N LYS A 158 11.22 4.79 25.25
CA LYS A 158 11.52 5.49 26.51
C LYS A 158 12.93 6.07 26.50
N MET B 1 -28.51 2.58 25.61
CA MET B 1 -28.06 3.46 24.53
C MET B 1 -26.81 2.91 23.84
N ASN B 2 -26.69 3.12 22.53
CA ASN B 2 -25.46 2.79 21.83
C ASN B 2 -24.76 4.08 21.45
N ARG B 3 -23.48 4.15 21.73
CA ARG B 3 -22.67 5.26 21.31
C ARG B 3 -21.60 4.74 20.34
N VAL B 4 -21.68 5.17 19.09
CA VAL B 4 -20.80 4.65 18.06
C VAL B 4 -19.71 5.67 17.77
N LEU B 5 -18.48 5.18 17.63
CA LEU B 5 -17.37 6.06 17.32
C LEU B 5 -16.80 5.74 15.92
N TYR B 6 -16.72 6.77 15.08
CA TYR B 6 -16.26 6.66 13.70
C TYR B 6 -14.89 7.31 13.54
N PRO B 7 -13.82 6.52 13.65
CA PRO B 7 -12.47 7.08 13.56
C PRO B 7 -11.89 7.06 12.15
N GLY B 8 -11.07 8.05 11.84
CA GLY B 8 -10.40 8.14 10.56
C GLY B 8 -9.53 9.38 10.57
N THR B 9 -8.73 9.57 9.52
CA THR B 9 -7.89 10.74 9.41
C THR B 9 -8.71 11.92 8.84
N PHE B 10 -9.69 11.59 7.99
CA PHE B 10 -10.57 12.56 7.36
C PHE B 10 -9.79 13.77 6.87
N ASP B 11 -8.91 13.52 5.91
CA ASP B 11 -8.03 14.55 5.38
C ASP B 11 -8.24 14.72 3.87
N PRO B 12 -9.32 15.39 3.47
CA PRO B 12 -10.38 15.93 4.32
C PRO B 12 -11.57 14.99 4.37
N ILE B 13 -12.61 15.35 5.11
CA ILE B 13 -13.82 14.57 5.11
C ILE B 13 -14.52 14.71 3.73
N THR B 14 -15.06 13.61 3.24
CA THR B 14 -15.65 13.59 1.91
C THR B 14 -17.12 13.24 1.96
N LYS B 15 -17.77 13.25 0.80
CA LYS B 15 -19.17 12.83 0.71
C LYS B 15 -19.24 11.33 0.95
N GLY B 16 -18.08 10.69 0.84
CA GLY B 16 -18.00 9.28 1.12
C GLY B 16 -18.19 9.07 2.62
N HIS B 17 -17.43 9.77 3.46
CA HIS B 17 -17.72 9.57 4.87
C HIS B 17 -19.09 10.15 5.23
N GLY B 18 -19.48 11.28 4.65
CA GLY B 18 -20.71 11.91 5.03
C GLY B 18 -21.92 11.01 4.79
N ASP B 19 -21.89 10.21 3.73
CA ASP B 19 -22.96 9.24 3.55
C ASP B 19 -23.02 8.22 4.68
N LEU B 20 -21.86 7.70 5.05
CA LEU B 20 -21.75 6.77 6.17
C LEU B 20 -22.24 7.40 7.47
N ILE B 21 -21.96 8.69 7.66
CA ILE B 21 -22.33 9.36 8.89
C ILE B 21 -23.84 9.62 8.97
N GLU B 22 -24.39 10.04 7.84
CA GLU B 22 -25.83 10.19 7.68
C GLU B 22 -26.54 8.89 8.07
N ARG B 23 -26.06 7.79 7.54
CA ARG B 23 -26.70 6.51 7.77
C ARG B 23 -26.56 6.09 9.23
N ALA B 24 -25.44 6.45 9.84
CA ALA B 24 -25.16 6.07 11.23
C ALA B 24 -25.96 6.91 12.22
N SER B 25 -26.18 8.18 11.87
CA SER B 25 -26.92 9.03 12.78
C SER B 25 -28.39 8.63 12.83
N ARG B 26 -28.88 7.92 11.82
CA ARG B 26 -30.27 7.52 11.92
C ARG B 26 -30.41 6.11 12.55
N LEU B 27 -29.29 5.43 12.79
CA LEU B 27 -29.30 4.14 13.48
C LEU B 27 -28.98 4.26 14.97
N PHE B 28 -28.16 5.24 15.33
CA PHE B 28 -27.65 5.32 16.67
C PHE B 28 -28.05 6.59 17.37
N ASP B 29 -28.15 6.51 18.68
CA ASP B 29 -28.53 7.65 19.48
C ASP B 29 -27.43 8.68 19.46
N HIS B 30 -26.20 8.18 19.45
CA HIS B 30 -25.05 9.07 19.56
C HIS B 30 -23.92 8.62 18.64
N VAL B 31 -23.48 9.54 17.80
CA VAL B 31 -22.38 9.30 16.89
C VAL B 31 -21.23 10.26 17.13
N ILE B 32 -20.06 9.71 17.39
CA ILE B 32 -18.87 10.53 17.53
C ILE B 32 -17.92 10.33 16.35
N ILE B 33 -17.60 11.43 15.70
CA ILE B 33 -16.61 11.44 14.64
C ILE B 33 -15.30 11.65 15.32
N ALA B 34 -14.45 10.64 15.35
CA ALA B 34 -13.14 10.74 15.98
C ALA B 34 -12.03 10.98 14.97
N VAL B 35 -11.51 12.20 14.91
CA VAL B 35 -10.46 12.53 13.95
C VAL B 35 -9.06 12.27 14.52
N ALA B 36 -8.32 11.35 13.91
CA ALA B 36 -6.99 10.99 14.39
C ALA B 36 -5.96 11.96 13.87
N ALA B 37 -5.02 12.35 14.73
CA ALA B 37 -3.94 13.25 14.34
C ALA B 37 -3.18 12.67 13.16
N SER B 38 -2.80 11.40 13.28
CA SER B 38 -2.12 10.67 12.21
C SER B 38 -0.89 11.41 11.67
N PRO B 39 0.05 11.78 12.55
CA PRO B 39 1.22 12.60 12.16
C PRO B 39 2.06 11.95 11.07
N LYS B 40 2.10 10.63 11.03
CA LYS B 40 2.91 9.95 10.03
C LYS B 40 2.41 10.17 8.61
N LYS B 41 1.10 10.33 8.45
CA LYS B 41 0.53 10.47 7.12
C LYS B 41 0.86 11.87 6.60
N ASN B 42 1.34 12.72 7.51
CA ASN B 42 1.59 14.12 7.22
C ASN B 42 0.39 14.74 6.50
N PRO B 43 -0.73 14.90 7.23
CA PRO B 43 -2.02 15.33 6.68
C PRO B 43 -1.94 16.69 6.01
N LEU B 44 -2.69 16.88 4.93
CA LEU B 44 -2.72 18.17 4.26
C LEU B 44 -3.28 19.22 5.22
N PHE B 45 -4.35 18.87 5.94
CA PHE B 45 -4.97 19.78 6.89
C PHE B 45 -4.56 19.44 8.33
N SER B 46 -4.46 20.46 9.16
CA SER B 46 -4.14 20.28 10.56
C SER B 46 -5.28 19.57 11.23
N LEU B 47 -5.00 18.99 12.39
CA LEU B 47 -6.03 18.31 13.14
C LEU B 47 -7.22 19.22 13.35
N GLU B 48 -6.94 20.43 13.81
CA GLU B 48 -7.93 21.44 14.10
C GLU B 48 -8.76 21.84 12.87
N GLN B 49 -8.12 21.91 11.70
CA GLN B 49 -8.86 22.22 10.48
C GLN B 49 -9.79 21.05 10.09
N ARG B 50 -9.29 19.82 10.23
CA ARG B 50 -10.07 18.64 9.88
C ARG B 50 -11.26 18.44 10.82
N VAL B 51 -11.06 18.72 12.11
CA VAL B 51 -12.16 18.67 13.06
C VAL B 51 -13.22 19.71 12.70
N ALA B 52 -12.78 20.89 12.30
CA ALA B 52 -13.71 21.95 11.95
C ALA B 52 -14.50 21.63 10.68
N LEU B 53 -13.81 21.03 9.70
CA LEU B 53 -14.48 20.68 8.45
C LEU B 53 -15.52 19.61 8.73
N ALA B 54 -15.15 18.66 9.59
CA ALA B 54 -16.08 17.60 9.97
C ALA B 54 -17.28 18.13 10.77
N GLN B 55 -17.09 19.17 11.57
CA GLN B 55 -18.21 19.80 12.31
C GLN B 55 -19.17 20.46 11.32
N GLU B 56 -18.59 21.20 10.38
CA GLU B 56 -19.37 21.96 9.41
C GLU B 56 -20.25 21.02 8.59
N VAL B 57 -19.70 19.88 8.23
CA VAL B 57 -20.36 18.93 7.37
C VAL B 57 -21.42 18.13 8.14
N THR B 58 -21.35 18.13 9.47
CA THR B 58 -22.32 17.31 10.21
C THR B 58 -23.15 18.09 11.22
N LYS B 59 -23.03 19.42 11.24
CA LYS B 59 -23.70 20.22 12.27
C LYS B 59 -25.23 20.17 12.20
N HIS B 60 -25.76 19.74 11.06
CA HIS B 60 -27.20 19.60 10.87
C HIS B 60 -27.75 18.30 11.46
N LEU B 61 -26.87 17.47 12.00
CA LEU B 61 -27.28 16.23 12.65
C LEU B 61 -27.05 16.39 14.13
N PRO B 62 -28.14 16.47 14.90
CA PRO B 62 -28.02 16.87 16.31
C PRO B 62 -27.36 15.80 17.17
N ASN B 63 -27.46 14.53 16.77
CA ASN B 63 -26.88 13.45 17.56
C ASN B 63 -25.46 13.08 17.13
N VAL B 64 -24.87 13.92 16.30
CA VAL B 64 -23.50 13.69 15.83
C VAL B 64 -22.58 14.79 16.31
N GLU B 65 -21.48 14.39 16.94
CA GLU B 65 -20.51 15.35 17.42
C GLU B 65 -19.09 14.95 16.93
N VAL B 66 -18.19 15.92 16.86
CA VAL B 66 -16.86 15.70 16.31
C VAL B 66 -15.79 16.00 17.34
N VAL B 67 -14.77 15.15 17.42
CA VAL B 67 -13.67 15.43 18.33
C VAL B 67 -12.40 14.91 17.68
N GLY B 68 -11.29 15.59 17.95
CA GLY B 68 -9.98 15.16 17.49
C GLY B 68 -9.21 14.45 18.61
N PHE B 69 -8.26 13.60 18.25
CA PHE B 69 -7.48 12.88 19.27
C PHE B 69 -6.12 12.40 18.72
N SER B 70 -5.14 12.28 19.61
CA SER B 70 -3.82 11.85 19.18
C SER B 70 -3.32 10.63 19.94
N THR B 71 -4.19 10.04 20.75
CA THR B 71 -3.82 8.87 21.53
C THR B 71 -4.23 7.58 20.82
N LEU B 72 -3.99 6.44 21.47
CA LEU B 72 -4.38 5.13 20.95
C LEU B 72 -5.90 5.02 20.89
N LEU B 73 -6.43 4.59 19.74
CA LEU B 73 -7.88 4.46 19.52
C LEU B 73 -8.51 3.62 20.59
N ALA B 74 -7.80 2.57 20.99
CA ALA B 74 -8.33 1.68 21.99
C ALA B 74 -8.40 2.36 23.36
N HIS B 75 -7.60 3.39 23.61
CA HIS B 75 -7.79 4.06 24.90
C HIS B 75 -8.80 5.21 24.77
N PHE B 76 -8.75 5.94 23.65
CA PHE B 76 -9.61 7.10 23.42
C PHE B 76 -11.08 6.70 23.44
N VAL B 77 -11.36 5.50 22.95
CA VAL B 77 -12.73 5.02 22.88
C VAL B 77 -13.26 4.78 24.30
N LYS B 78 -12.36 4.48 25.24
CA LYS B 78 -12.75 4.32 26.64
C LYS B 78 -13.02 5.68 27.27
N GLU B 79 -12.27 6.67 26.82
CA GLU B 79 -12.46 8.07 27.20
C GLU B 79 -13.80 8.67 26.71
N GLN B 80 -14.29 8.17 25.57
CA GLN B 80 -15.52 8.70 24.99
C GLN B 80 -16.73 7.84 25.37
N LYS B 81 -16.44 6.71 25.99
CA LYS B 81 -17.47 5.77 26.44
C LYS B 81 -18.32 5.26 25.30
N ALA B 82 -17.70 5.00 24.17
CA ALA B 82 -18.41 4.42 23.05
C ALA B 82 -18.28 2.90 23.13
N ASN B 83 -19.34 2.19 22.76
CA ASN B 83 -19.26 0.72 22.81
C ASN B 83 -19.25 0.15 21.41
N VAL B 84 -19.22 1.01 20.38
CA VAL B 84 -19.20 0.54 19.00
C VAL B 84 -18.23 1.31 18.15
N PHE B 85 -17.41 0.57 17.41
CA PHE B 85 -16.53 1.14 16.39
C PHE B 85 -17.26 1.09 15.07
N LEU B 86 -17.33 2.21 14.36
CA LEU B 86 -17.82 2.18 13.00
C LEU B 86 -16.66 2.33 12.06
N ARG B 87 -16.65 1.50 11.04
CA ARG B 87 -15.69 1.68 9.97
C ARG B 87 -16.45 1.42 8.68
N GLY B 88 -16.10 2.20 7.68
CA GLY B 88 -16.68 2.10 6.38
C GLY B 88 -15.73 1.33 5.54
N LEU B 89 -16.24 0.76 4.46
CA LEU B 89 -15.41 0.01 3.53
C LEU B 89 -15.51 0.80 2.22
N ARG B 90 -14.53 1.66 1.91
CA ARG B 90 -14.68 2.58 0.78
C ARG B 90 -14.57 1.64 -0.41
N ALA B 91 -15.71 1.08 -0.78
CA ALA B 91 -15.80 -0.04 -1.71
C ALA B 91 -15.07 -1.19 -1.10
N VAL B 92 -14.08 -1.69 -1.84
CA VAL B 92 -13.45 -2.96 -1.49
C VAL B 92 -11.97 -2.63 -1.30
N SER B 93 -11.67 -1.73 -0.38
CA SER B 93 -10.29 -1.42 -0.08
C SER B 93 -9.23 -2.38 0.42
N ASP B 94 -9.49 -2.99 1.56
CA ASP B 94 -8.69 -4.12 2.03
C ASP B 94 -9.35 -4.60 3.30
N PHE B 95 -10.48 -5.27 3.17
CA PHE B 95 -11.32 -5.41 4.32
C PHE B 95 -10.55 -6.27 5.31
N GLU B 96 -9.40 -6.75 4.86
CA GLU B 96 -8.55 -7.69 5.57
C GLU B 96 -7.72 -6.81 6.50
N TYR B 97 -7.43 -5.58 6.09
CA TYR B 97 -6.77 -4.62 6.99
C TYR B 97 -7.73 -4.16 8.11
N GLU B 98 -9.01 -4.03 7.76
CA GLU B 98 -10.03 -3.65 8.72
C GLU B 98 -10.23 -4.80 9.71
N PHE B 99 -10.03 -6.01 9.21
CA PHE B 99 -10.08 -7.19 10.07
C PHE B 99 -8.95 -7.31 11.05
N GLN B 100 -7.77 -7.01 10.54
CA GLN B 100 -6.55 -7.04 11.30
C GLN B 100 -6.70 -5.95 12.37
N LEU B 101 -7.32 -4.85 11.97
CA LEU B 101 -7.56 -3.74 12.87
C LEU B 101 -8.55 -4.11 13.95
N ALA B 102 -9.61 -4.79 13.55
CA ALA B 102 -10.70 -5.11 14.45
C ALA B 102 -10.28 -6.13 15.47
N ASN B 103 -9.57 -7.15 15.03
CA ASN B 103 -9.21 -8.20 15.93
C ASN B 103 -8.08 -7.79 16.85
N MET B 104 -7.25 -6.83 16.43
CA MET B 104 -6.23 -6.33 17.35
C MET B 104 -6.87 -5.41 18.39
N ASN B 105 -7.93 -4.69 17.99
CA ASN B 105 -8.69 -3.84 18.90
C ASN B 105 -9.60 -4.68 19.79
N ARG B 106 -9.89 -5.89 19.34
CA ARG B 106 -10.66 -6.81 20.14
C ARG B 106 -9.81 -7.18 21.36
N GLN B 107 -8.49 -7.15 21.20
CA GLN B 107 -7.58 -7.47 22.28
C GLN B 107 -7.39 -6.29 23.24
N LEU B 108 -7.37 -5.09 22.67
CA LEU B 108 -7.09 -3.92 23.49
C LEU B 108 -8.37 -3.34 24.10
N ALA B 109 -9.52 -3.52 23.43
CA ALA B 109 -10.78 -3.04 24.00
C ALA B 109 -11.87 -4.07 23.80
N PRO B 110 -11.86 -5.10 24.62
CA PRO B 110 -12.72 -6.27 24.43
C PRO B 110 -14.20 -5.92 24.51
N ASP B 111 -14.53 -4.84 25.20
CA ASP B 111 -15.95 -4.51 25.38
C ASP B 111 -16.49 -3.65 24.26
N VAL B 112 -15.69 -3.32 23.26
CA VAL B 112 -16.18 -2.49 22.16
C VAL B 112 -16.37 -3.33 20.88
N GLU B 113 -17.55 -3.23 20.28
CA GLU B 113 -17.85 -3.96 19.05
C GLU B 113 -17.31 -3.25 17.82
N SER B 114 -16.94 -4.03 16.80
CA SER B 114 -16.52 -3.47 15.51
C SER B 114 -17.60 -3.73 14.49
N MET B 115 -18.03 -2.66 13.84
CA MET B 115 -19.16 -2.76 12.91
C MET B 115 -18.83 -2.03 11.61
N PHE B 116 -19.38 -2.52 10.52
CA PHE B 116 -19.04 -1.93 9.24
C PHE B 116 -20.28 -1.57 8.47
N LEU B 117 -20.21 -0.45 7.77
CA LEU B 117 -21.22 -0.08 6.80
C LEU B 117 -20.54 0.12 5.46
N THR B 118 -21.33 0.09 4.40
CA THR B 118 -20.79 0.40 3.07
C THR B 118 -21.54 1.61 2.53
N PRO B 119 -20.82 2.47 1.78
CA PRO B 119 -21.53 3.69 1.38
C PRO B 119 -22.39 3.40 0.18
N SER B 120 -23.33 4.31 -0.12
CA SER B 120 -24.10 4.23 -1.35
C SER B 120 -23.14 4.06 -2.53
N GLU B 121 -23.59 3.32 -3.53
CA GLU B 121 -22.84 3.15 -4.79
C GLU B 121 -22.28 4.45 -5.34
N LYS B 122 -23.05 5.52 -5.22
CA LYS B 122 -22.70 6.83 -5.76
C LYS B 122 -21.43 7.38 -5.11
N TYR B 123 -21.20 7.02 -3.85
CA TYR B 123 -20.07 7.55 -3.11
C TYR B 123 -19.01 6.51 -2.73
N SER B 124 -19.13 5.30 -3.27
CA SER B 124 -18.22 4.20 -2.91
C SER B 124 -16.87 4.16 -3.62
N PHE B 125 -16.51 5.24 -4.31
CA PHE B 125 -15.25 5.30 -5.02
C PHE B 125 -14.50 6.60 -4.76
N ILE B 126 -14.98 7.35 -3.78
CA ILE B 126 -14.33 8.57 -3.37
C ILE B 126 -13.24 8.27 -2.33
N SER B 127 -12.04 8.70 -2.70
CA SER B 127 -10.84 8.55 -1.91
C SER B 127 -10.36 9.96 -1.55
N SER B 128 -10.23 10.24 -0.25
CA SER B 128 -9.78 11.55 0.21
C SER B 128 -8.37 11.85 -0.32
N THR B 129 -7.56 10.81 -0.51
CA THR B 129 -6.23 10.97 -1.05
C THR B 129 -6.29 11.51 -2.48
N LEU B 130 -7.16 10.93 -3.29
CA LEU B 130 -7.26 11.35 -4.67
C LEU B 130 -7.89 12.74 -4.75
N VAL B 131 -8.82 13.03 -3.84
CA VAL B 131 -9.40 14.36 -3.75
C VAL B 131 -8.30 15.38 -3.48
N ARG B 132 -7.40 15.08 -2.55
CA ARG B 132 -6.29 15.98 -2.27
C ARG B 132 -5.45 16.18 -3.52
N GLU B 133 -5.19 15.10 -4.25
CA GLU B 133 -4.33 15.19 -5.41
C GLU B 133 -4.97 15.90 -6.61
N ILE B 134 -6.26 15.67 -6.84
CA ILE B 134 -7.00 16.39 -7.88
C ILE B 134 -7.08 17.88 -7.54
N ALA B 135 -7.33 18.20 -6.27
CA ALA B 135 -7.46 19.58 -5.84
C ALA B 135 -6.14 20.30 -5.97
N ALA B 136 -5.05 19.61 -5.65
CA ALA B 136 -3.73 20.21 -5.73
C ALA B 136 -3.32 20.55 -7.16
N LEU B 137 -3.98 19.92 -8.13
CA LEU B 137 -3.66 20.16 -9.53
C LEU B 137 -4.74 21.03 -10.18
N GLY B 138 -5.58 21.67 -9.36
CA GLY B 138 -6.61 22.56 -9.88
C GLY B 138 -7.80 21.85 -10.53
N GLY B 139 -8.03 20.59 -10.17
CA GLY B 139 -9.19 19.88 -10.69
C GLY B 139 -10.43 20.18 -9.88
N ASP B 140 -11.58 20.06 -10.49
CA ASP B 140 -12.84 20.30 -9.82
C ASP B 140 -13.23 19.10 -8.94
N ILE B 141 -13.34 19.33 -7.63
CA ILE B 141 -13.64 18.26 -6.70
C ILE B 141 -15.02 18.43 -6.04
N SER B 142 -15.81 19.36 -6.55
CA SER B 142 -17.11 19.69 -5.94
C SER B 142 -18.07 18.50 -5.91
N LYS B 143 -17.77 17.48 -6.72
CA LYS B 143 -18.62 16.30 -6.78
C LYS B 143 -18.20 15.21 -5.81
N PHE B 144 -17.11 15.44 -5.06
CA PHE B 144 -16.63 14.46 -4.08
C PHE B 144 -16.74 14.96 -2.63
N VAL B 145 -16.91 16.27 -2.44
CA VAL B 145 -16.93 16.84 -1.10
C VAL B 145 -18.03 17.92 -0.96
N HIS B 146 -18.38 18.20 0.30
CA HIS B 146 -19.30 19.27 0.72
C HIS B 146 -18.64 20.61 0.37
N PRO B 147 -19.46 21.65 0.12
CA PRO B 147 -18.95 22.95 -0.33
C PRO B 147 -17.93 23.62 0.58
N ALA B 148 -18.04 23.46 1.90
CA ALA B 148 -17.02 24.03 2.79
C ALA B 148 -15.67 23.37 2.56
N VAL B 149 -15.71 22.08 2.25
CA VAL B 149 -14.49 21.34 2.02
C VAL B 149 -13.88 21.78 0.70
N ALA B 150 -14.73 21.95 -0.31
CA ALA B 150 -14.24 22.44 -1.60
C ALA B 150 -13.60 23.82 -1.44
N ASP B 151 -14.25 24.69 -0.67
CA ASP B 151 -13.73 26.02 -0.46
C ASP B 151 -12.39 25.96 0.27
N ALA B 152 -12.31 25.09 1.28
CA ALA B 152 -11.10 24.92 2.07
C ALA B 152 -9.94 24.39 1.25
N LEU B 153 -10.23 23.46 0.36
CA LEU B 153 -9.23 22.91 -0.54
C LEU B 153 -8.77 23.98 -1.53
N ALA B 154 -9.73 24.79 -2.01
CA ALA B 154 -9.41 25.85 -2.97
C ALA B 154 -8.46 26.87 -2.34
N GLU B 155 -8.75 27.25 -1.10
CA GLU B 155 -7.94 28.25 -0.43
C GLU B 155 -6.57 27.71 -0.05
N ARG B 156 -6.47 26.40 0.11
CA ARG B 156 -5.24 25.77 0.54
C ARG B 156 -4.19 25.77 -0.55
N PHE B 157 -4.63 25.69 -1.82
CA PHE B 157 -3.70 25.55 -2.95
C PHE B 157 -3.47 26.75 -3.90
N LYS B 158 -3.72 27.97 -3.43
CA LYS B 158 -3.26 29.15 -4.15
C LYS B 158 -2.66 30.12 -3.14
N MET C 1 -11.74 7.88 -35.57
CA MET C 1 -10.37 7.61 -35.15
C MET C 1 -10.26 7.44 -33.64
N ASN C 2 -9.41 6.50 -33.19
CA ASN C 2 -9.15 6.36 -31.76
C ASN C 2 -7.77 6.79 -31.33
N ARG C 3 -7.73 7.65 -30.32
CA ARG C 3 -6.47 8.08 -29.73
C ARG C 3 -6.42 7.64 -28.28
N VAL C 4 -5.54 6.70 -27.98
CA VAL C 4 -5.47 6.16 -26.63
C VAL C 4 -4.28 6.78 -25.86
N LEU C 5 -4.55 7.16 -24.61
CA LEU C 5 -3.51 7.73 -23.77
C LEU C 5 -3.20 6.76 -22.62
N TYR C 6 -1.93 6.40 -22.55
CA TYR C 6 -1.42 5.45 -21.56
C TYR C 6 -0.62 6.21 -20.50
N PRO C 7 -1.27 6.56 -19.38
CA PRO C 7 -0.57 7.39 -18.40
C PRO C 7 0.14 6.56 -17.34
N GLY C 8 1.28 7.05 -16.85
CA GLY C 8 2.01 6.33 -15.84
C GLY C 8 3.26 7.04 -15.38
N THR C 9 3.89 6.47 -14.37
CA THR C 9 5.10 7.05 -13.82
C THR C 9 6.29 6.54 -14.61
N PHE C 10 6.23 5.28 -15.04
CA PHE C 10 7.31 4.63 -15.79
C PHE C 10 8.67 4.93 -15.19
N ASP C 11 8.90 4.40 -13.99
CA ASP C 11 10.14 4.64 -13.27
C ASP C 11 10.86 3.35 -12.91
N PRO C 12 11.47 2.68 -13.90
CA PRO C 12 11.42 3.00 -15.33
C PRO C 12 10.37 2.18 -16.06
N ILE C 13 10.24 2.42 -17.35
CA ILE C 13 9.38 1.61 -18.19
C ILE C 13 9.98 0.19 -18.24
N THR C 14 9.12 -0.82 -18.22
CA THR C 14 9.55 -2.20 -18.16
C THR C 14 9.07 -2.98 -19.38
N LYS C 15 9.38 -4.27 -19.43
CA LYS C 15 8.89 -5.08 -20.52
C LYS C 15 7.39 -5.31 -20.34
N GLY C 16 6.90 -5.07 -19.13
CA GLY C 16 5.49 -5.21 -18.87
C GLY C 16 4.75 -4.12 -19.59
N HIS C 17 5.20 -2.87 -19.42
CA HIS C 17 4.60 -1.75 -20.12
C HIS C 17 4.74 -1.90 -21.63
N GLY C 18 5.91 -2.33 -22.08
CA GLY C 18 6.19 -2.42 -23.50
C GLY C 18 5.34 -3.45 -24.23
N ASP C 19 5.02 -4.54 -23.55
CA ASP C 19 4.10 -5.51 -24.12
C ASP C 19 2.73 -4.88 -24.37
N LEU C 20 2.25 -4.18 -23.36
CA LEU C 20 0.99 -3.48 -23.43
C LEU C 20 0.98 -2.40 -24.53
N ILE C 21 2.12 -1.73 -24.72
CA ILE C 21 2.23 -0.67 -25.71
C ILE C 21 2.26 -1.26 -27.12
N GLU C 22 3.00 -2.35 -27.26
CA GLU C 22 3.03 -3.15 -28.47
C GLU C 22 1.62 -3.52 -28.93
N ARG C 23 0.84 -4.03 -27.99
CA ARG C 23 -0.47 -4.51 -28.31
C ARG C 23 -1.39 -3.34 -28.65
N ALA C 24 -1.23 -2.22 -27.93
CA ALA C 24 -2.10 -1.08 -28.12
C ALA C 24 -1.78 -0.36 -29.43
N SER C 25 -0.52 -0.41 -29.87
CA SER C 25 -0.18 0.26 -31.13
C SER C 25 -0.74 -0.53 -32.30
N ARG C 26 -1.10 -1.79 -32.11
CA ARG C 26 -1.70 -2.56 -33.21
C ARG C 26 -3.22 -2.42 -33.22
N LEU C 27 -3.79 -1.85 -32.16
CA LEU C 27 -5.23 -1.75 -32.05
C LEU C 27 -5.76 -0.37 -32.43
N PHE C 28 -4.94 0.63 -32.15
CA PHE C 28 -5.35 2.02 -32.22
C PHE C 28 -4.57 2.83 -33.22
N ASP C 29 -5.18 3.90 -33.70
CA ASP C 29 -4.53 4.74 -34.69
C ASP C 29 -3.39 5.53 -34.08
N HIS C 30 -3.60 5.99 -32.85
CA HIS C 30 -2.64 6.83 -32.17
C HIS C 30 -2.50 6.44 -30.69
N VAL C 31 -1.27 6.17 -30.28
CA VAL C 31 -0.94 5.83 -28.89
C VAL C 31 0.00 6.86 -28.30
N ILE C 32 -0.49 7.53 -27.26
CA ILE C 32 0.31 8.48 -26.52
C ILE C 32 0.69 7.92 -25.16
N ILE C 33 2.00 7.83 -24.93
CA ILE C 33 2.52 7.49 -23.63
C ILE C 33 2.70 8.78 -22.83
N ALA C 34 1.86 8.92 -21.81
CA ALA C 34 1.90 10.10 -20.95
C ALA C 34 2.66 9.80 -19.67
N VAL C 35 3.87 10.32 -19.55
CA VAL C 35 4.67 10.09 -18.37
C VAL C 35 4.44 11.22 -17.37
N ALA C 36 3.89 10.86 -16.22
CA ALA C 36 3.54 11.84 -15.17
C ALA C 36 4.75 12.15 -14.31
N ALA C 37 4.88 13.42 -13.92
CA ALA C 37 5.99 13.84 -13.08
C ALA C 37 6.02 13.00 -11.81
N SER C 38 4.87 12.85 -11.16
CA SER C 38 4.72 12.07 -9.94
C SER C 38 5.74 12.47 -8.87
N PRO C 39 5.82 13.77 -8.55
CA PRO C 39 6.85 14.21 -7.62
C PRO C 39 6.72 13.55 -6.25
N LYS C 40 5.49 13.22 -5.86
CA LYS C 40 5.18 12.60 -4.57
C LYS C 40 5.81 11.22 -4.48
N LYS C 41 5.96 10.56 -5.62
CA LYS C 41 6.57 9.23 -5.62
C LYS C 41 8.08 9.33 -5.45
N ASN C 42 8.64 10.53 -5.51
CA ASN C 42 10.10 10.72 -5.50
C ASN C 42 10.76 9.78 -6.53
N PRO C 43 10.50 10.00 -7.82
CA PRO C 43 10.93 9.06 -8.87
C PRO C 43 12.45 8.89 -8.90
N LEU C 44 12.93 7.67 -9.18
CA LEU C 44 14.36 7.44 -9.28
C LEU C 44 14.94 8.23 -10.45
N PHE C 45 14.25 8.17 -11.58
CA PHE C 45 14.68 8.88 -12.78
C PHE C 45 13.88 10.16 -12.88
N SER C 46 14.51 11.18 -13.43
CA SER C 46 13.84 12.43 -13.71
C SER C 46 12.78 12.23 -14.80
N LEU C 47 11.83 13.14 -14.87
CA LEU C 47 10.78 13.08 -15.89
C LEU C 47 11.38 12.96 -17.31
N GLU C 48 12.35 13.82 -17.60
CA GLU C 48 13.04 13.81 -18.88
C GLU C 48 13.74 12.48 -19.16
N GLN C 49 14.30 11.87 -18.13
CA GLN C 49 14.93 10.57 -18.30
C GLN C 49 13.88 9.52 -18.58
N ARG C 50 12.77 9.59 -17.86
CA ARG C 50 11.71 8.59 -18.05
C ARG C 50 11.07 8.71 -19.44
N VAL C 51 10.85 9.92 -19.91
CA VAL C 51 10.34 10.15 -21.24
C VAL C 51 11.31 9.62 -22.29
N ALA C 52 12.61 9.89 -22.07
CA ALA C 52 13.63 9.49 -23.03
C ALA C 52 13.78 7.97 -23.10
N LEU C 53 13.74 7.32 -21.95
CA LEU C 53 13.82 5.86 -21.91
C LEU C 53 12.59 5.25 -22.58
N ALA C 54 11.42 5.81 -22.31
CA ALA C 54 10.19 5.32 -22.92
C ALA C 54 10.23 5.54 -24.44
N GLN C 55 10.81 6.66 -24.89
CA GLN C 55 10.97 6.95 -26.31
C GLN C 55 11.85 5.92 -27.01
N GLU C 56 12.96 5.58 -26.37
CA GLU C 56 13.91 4.62 -26.91
C GLU C 56 13.29 3.23 -27.13
N VAL C 57 12.45 2.84 -26.17
CA VAL C 57 11.85 1.51 -26.12
C VAL C 57 10.73 1.37 -27.14
N THR C 58 10.25 2.49 -27.65
CA THR C 58 9.09 2.48 -28.52
C THR C 58 9.39 3.10 -29.88
N LYS C 59 10.68 3.33 -30.16
CA LYS C 59 11.09 4.06 -31.35
C LYS C 59 10.69 3.36 -32.65
N HIS C 60 10.52 2.04 -32.58
CA HIS C 60 10.14 1.22 -33.72
C HIS C 60 8.63 1.19 -34.03
N LEU C 61 7.81 1.85 -33.22
CA LEU C 61 6.36 1.87 -33.46
C LEU C 61 5.91 3.25 -33.96
N PRO C 62 5.48 3.34 -35.23
CA PRO C 62 5.28 4.64 -35.88
C PRO C 62 4.13 5.44 -35.31
N ASN C 63 3.09 4.77 -34.80
CA ASN C 63 1.91 5.48 -34.28
C ASN C 63 1.99 5.78 -32.79
N VAL C 64 3.15 5.58 -32.21
CA VAL C 64 3.33 5.80 -30.79
C VAL C 64 4.23 7.01 -30.49
N GLU C 65 3.73 7.90 -29.64
CA GLU C 65 4.54 9.04 -29.22
C GLU C 65 4.58 9.15 -27.69
N VAL C 66 5.63 9.76 -27.18
CA VAL C 66 5.85 9.84 -25.75
C VAL C 66 5.94 11.32 -25.35
N VAL C 67 5.26 11.69 -24.27
CA VAL C 67 5.27 13.05 -23.79
C VAL C 67 5.15 13.02 -22.26
N GLY C 68 5.81 13.96 -21.59
CA GLY C 68 5.72 14.07 -20.14
C GLY C 68 4.74 15.15 -19.76
N PHE C 69 4.17 15.07 -18.56
CA PHE C 69 3.18 16.05 -18.10
C PHE C 69 3.14 16.10 -16.58
N SER C 70 2.80 17.26 -16.02
CA SER C 70 2.77 17.41 -14.56
C SER C 70 1.40 17.85 -14.11
N THR C 71 0.46 17.94 -15.04
CA THR C 71 -0.88 18.44 -14.70
C THR C 71 -1.87 17.32 -14.37
N LEU C 72 -3.11 17.70 -14.14
CA LEU C 72 -4.13 16.72 -13.84
C LEU C 72 -4.35 15.87 -15.08
N LEU C 73 -4.37 14.55 -14.86
CA LEU C 73 -4.58 13.61 -15.94
C LEU C 73 -5.89 13.86 -16.70
N ALA C 74 -6.95 14.22 -15.99
CA ALA C 74 -8.25 14.45 -16.64
C ALA C 74 -8.23 15.71 -17.51
N HIS C 75 -7.36 16.65 -17.16
CA HIS C 75 -7.19 17.85 -17.97
C HIS C 75 -6.30 17.53 -19.17
N PHE C 76 -5.24 16.78 -18.88
CA PHE C 76 -4.24 16.46 -19.88
C PHE C 76 -4.81 15.57 -20.99
N VAL C 77 -5.77 14.71 -20.65
CA VAL C 77 -6.34 13.82 -21.65
C VAL C 77 -7.24 14.59 -22.64
N LYS C 78 -7.88 15.66 -22.16
CA LYS C 78 -8.69 16.49 -23.04
C LYS C 78 -7.74 17.28 -23.90
N GLU C 79 -6.65 17.73 -23.29
CA GLU C 79 -5.65 18.51 -23.99
C GLU C 79 -5.03 17.71 -25.12
N GLN C 80 -5.01 16.40 -24.95
CA GLN C 80 -4.39 15.59 -25.95
C GLN C 80 -5.47 15.15 -26.91
N LYS C 81 -6.72 15.49 -26.59
CA LYS C 81 -7.87 15.09 -27.41
C LYS C 81 -7.89 13.55 -27.59
N ALA C 82 -7.52 12.83 -26.55
CA ALA C 82 -7.58 11.37 -26.59
C ALA C 82 -8.96 10.93 -26.12
N ASN C 83 -9.48 9.85 -26.68
CA ASN C 83 -10.82 9.47 -26.26
C ASN C 83 -10.81 8.18 -25.43
N VAL C 84 -9.61 7.63 -25.22
CA VAL C 84 -9.49 6.38 -24.45
C VAL C 84 -8.29 6.43 -23.49
N PHE C 85 -8.50 6.01 -22.24
CA PHE C 85 -7.44 5.78 -21.27
C PHE C 85 -6.99 4.33 -21.35
N LEU C 86 -5.69 4.07 -21.43
CA LEU C 86 -5.23 2.69 -21.29
C LEU C 86 -4.56 2.51 -19.92
N ARG C 87 -4.88 1.40 -19.24
CA ARG C 87 -4.17 1.04 -18.02
C ARG C 87 -4.00 -0.46 -18.10
N GLY C 88 -2.92 -0.98 -17.54
CA GLY C 88 -2.76 -2.41 -17.55
C GLY C 88 -3.28 -3.04 -16.28
N LEU C 89 -3.92 -4.19 -16.42
CA LEU C 89 -4.35 -4.92 -15.25
C LEU C 89 -3.58 -6.23 -15.10
N ARG C 90 -2.77 -6.30 -14.06
CA ARG C 90 -2.04 -7.53 -13.77
C ARG C 90 -2.78 -8.12 -12.58
N ALA C 91 -2.20 -9.08 -11.89
CA ALA C 91 -2.91 -9.63 -10.76
C ALA C 91 -2.37 -9.13 -9.44
N VAL C 92 -3.31 -8.81 -8.56
CA VAL C 92 -4.62 -8.46 -9.02
C VAL C 92 -4.77 -7.02 -8.75
N SER C 93 -4.10 -6.55 -7.70
CA SER C 93 -4.44 -5.27 -7.07
C SER C 93 -3.27 -4.37 -6.70
N ASP C 94 -3.47 -3.09 -7.00
CA ASP C 94 -4.74 -2.57 -7.51
C ASP C 94 -4.59 -2.16 -8.99
N PHE C 95 -5.62 -2.18 -9.86
CA PHE C 95 -6.96 -2.85 -9.84
C PHE C 95 -8.26 -2.13 -9.40
N GLU C 96 -8.31 -1.79 -8.14
CA GLU C 96 -9.54 -1.46 -7.42
C GLU C 96 -9.22 0.00 -7.24
N TYR C 97 -7.93 0.30 -7.08
CA TYR C 97 -7.47 1.68 -7.25
C TYR C 97 -7.66 2.05 -8.73
N GLU C 98 -7.55 1.08 -9.63
CA GLU C 98 -7.82 1.35 -11.03
C GLU C 98 -9.31 1.60 -11.27
N PHE C 99 -10.18 0.88 -10.55
CA PHE C 99 -11.63 1.07 -10.66
C PHE C 99 -12.01 2.41 -10.05
N GLN C 100 -11.35 2.72 -8.97
CA GLN C 100 -11.52 3.97 -8.29
C GLN C 100 -10.98 5.13 -9.17
N LEU C 101 -9.87 4.88 -9.86
CA LEU C 101 -9.27 5.90 -10.74
C LEU C 101 -10.18 6.18 -11.93
N ALA C 102 -10.75 5.11 -12.47
CA ALA C 102 -11.61 5.22 -13.63
C ALA C 102 -12.91 5.95 -13.28
N ASN C 103 -13.47 5.67 -12.11
CA ASN C 103 -14.73 6.28 -11.75
C ASN C 103 -14.57 7.75 -11.37
N MET C 104 -13.40 8.11 -10.83
CA MET C 104 -13.16 9.51 -10.52
C MET C 104 -12.83 10.30 -11.77
N ASN C 105 -12.18 9.67 -12.74
CA ASN C 105 -11.88 10.32 -14.03
C ASN C 105 -13.10 10.43 -14.93
N ARG C 106 -14.08 9.57 -14.69
CA ARG C 106 -15.35 9.61 -15.42
C ARG C 106 -16.14 10.86 -15.06
N GLN C 107 -15.94 11.34 -13.84
CA GLN C 107 -16.63 12.52 -13.36
C GLN C 107 -15.95 13.76 -13.92
N LEU C 108 -14.63 13.69 -14.06
CA LEU C 108 -13.82 14.81 -14.52
C LEU C 108 -13.65 14.84 -16.04
N ALA C 109 -13.72 13.68 -16.68
CA ALA C 109 -13.67 13.60 -18.14
C ALA C 109 -14.66 12.57 -18.67
N PRO C 110 -15.96 12.93 -18.72
CA PRO C 110 -17.03 11.98 -19.02
C PRO C 110 -16.95 11.37 -20.41
N ASP C 111 -16.28 12.06 -21.32
CA ASP C 111 -16.23 11.62 -22.71
C ASP C 111 -15.03 10.73 -23.03
N VAL C 112 -14.22 10.44 -22.00
CA VAL C 112 -13.07 9.58 -22.18
C VAL C 112 -13.36 8.21 -21.59
N GLU C 113 -13.13 7.17 -22.39
CA GLU C 113 -13.37 5.81 -21.94
C GLU C 113 -12.16 5.23 -21.19
N SER C 114 -12.43 4.37 -20.22
CA SER C 114 -11.36 3.71 -19.51
C SER C 114 -11.31 2.25 -19.90
N MET C 115 -10.14 1.83 -20.35
CA MET C 115 -9.97 0.53 -20.94
C MET C 115 -8.75 -0.15 -20.34
N PHE C 116 -8.76 -1.48 -20.26
CA PHE C 116 -7.67 -2.22 -19.63
C PHE C 116 -7.15 -3.33 -20.51
N LEU C 117 -5.85 -3.52 -20.47
CA LEU C 117 -5.26 -4.68 -21.10
C LEU C 117 -4.49 -5.43 -20.03
N THR C 118 -4.24 -6.70 -20.28
CA THR C 118 -3.48 -7.49 -19.34
C THR C 118 -2.24 -7.96 -20.08
N PRO C 119 -1.11 -8.01 -19.38
CA PRO C 119 0.08 -8.25 -20.19
C PRO C 119 0.22 -9.70 -20.54
N SER C 120 1.08 -10.03 -21.50
CA SER C 120 1.40 -11.42 -21.74
C SER C 120 1.72 -11.95 -20.36
N GLU C 121 1.31 -13.17 -20.10
CA GLU C 121 1.63 -13.84 -18.86
C GLU C 121 3.10 -13.69 -18.52
N LYS C 122 3.95 -13.82 -19.54
CA LYS C 122 5.40 -13.77 -19.42
C LYS C 122 5.92 -12.47 -18.79
N TYR C 123 5.20 -11.38 -18.98
CA TYR C 123 5.64 -10.09 -18.44
C TYR C 123 4.75 -9.59 -17.33
N SER C 124 3.83 -10.42 -16.85
CA SER C 124 3.09 -10.02 -15.67
C SER C 124 4.05 -10.32 -14.55
N PHE C 125 3.79 -9.75 -13.39
CA PHE C 125 4.63 -9.92 -12.19
C PHE C 125 5.93 -9.10 -12.32
N ILE C 126 6.05 -8.28 -13.36
CA ILE C 126 7.17 -7.37 -13.47
C ILE C 126 6.78 -6.04 -12.90
N SER C 127 7.41 -5.58 -11.84
CA SER C 127 7.02 -4.30 -11.30
C SER C 127 8.20 -3.35 -11.26
N SER C 128 7.95 -2.10 -11.64
CA SER C 128 8.98 -1.08 -11.63
C SER C 128 9.67 -0.90 -10.29
N THR C 129 8.93 -1.06 -9.21
CA THR C 129 9.50 -0.95 -7.89
C THR C 129 10.52 -2.05 -7.67
N LEU C 130 10.14 -3.25 -8.06
CA LEU C 130 11.02 -4.40 -7.85
C LEU C 130 12.20 -4.40 -8.77
N VAL C 131 12.02 -3.89 -9.99
CA VAL C 131 13.13 -3.70 -10.92
C VAL C 131 14.14 -2.73 -10.30
N ARG C 132 13.63 -1.64 -9.71
CA ARG C 132 14.50 -0.67 -9.06
C ARG C 132 15.29 -1.26 -7.89
N GLU C 133 14.61 -2.03 -7.04
CA GLU C 133 15.25 -2.56 -5.85
C GLU C 133 16.30 -3.62 -6.20
N ILE C 134 16.01 -4.44 -7.20
CA ILE C 134 16.97 -5.44 -7.64
C ILE C 134 18.23 -4.76 -8.20
N ALA C 135 18.03 -3.71 -9.00
CA ALA C 135 19.16 -2.99 -9.61
C ALA C 135 20.02 -2.28 -8.56
N ALA C 136 19.37 -1.69 -7.56
CA ALA C 136 20.08 -0.98 -6.50
C ALA C 136 20.93 -1.91 -5.66
N LEU C 137 20.63 -3.21 -5.71
CA LEU C 137 21.40 -4.19 -4.99
C LEU C 137 22.27 -4.95 -5.97
N GLY C 138 22.38 -4.43 -7.19
CA GLY C 138 23.27 -5.03 -8.17
C GLY C 138 22.79 -6.34 -8.79
N GLY C 139 21.48 -6.57 -8.77
CA GLY C 139 20.95 -7.76 -9.41
C GLY C 139 20.77 -7.56 -10.91
N ASP C 140 20.76 -8.66 -11.66
CA ASP C 140 20.55 -8.58 -13.10
C ASP C 140 19.06 -8.47 -13.42
N ILE C 141 18.67 -7.37 -14.08
CA ILE C 141 17.26 -7.15 -14.42
C ILE C 141 17.01 -7.23 -15.93
N SER C 142 17.99 -7.76 -16.69
CA SER C 142 17.92 -7.76 -18.16
C SER C 142 16.73 -8.54 -18.71
N LYS C 143 16.11 -9.39 -17.92
CA LYS C 143 14.95 -10.06 -18.44
C LYS C 143 13.64 -9.35 -18.04
N PHE C 144 13.75 -8.24 -17.32
CA PHE C 144 12.53 -7.50 -16.97
C PHE C 144 12.39 -6.19 -17.74
N VAL C 145 13.49 -5.73 -18.33
CA VAL C 145 13.53 -4.43 -18.98
C VAL C 145 14.37 -4.45 -20.26
N HIS C 146 14.14 -3.46 -21.11
CA HIS C 146 14.90 -3.26 -22.34
C HIS C 146 16.35 -2.87 -22.01
N PRO C 147 17.29 -3.20 -22.90
CA PRO C 147 18.71 -2.97 -22.61
C PRO C 147 19.09 -1.50 -22.29
N ALA C 148 18.44 -0.52 -22.91
CA ALA C 148 18.75 0.87 -22.59
C ALA C 148 18.30 1.14 -21.17
N VAL C 149 17.21 0.49 -20.77
CA VAL C 149 16.72 0.68 -19.42
C VAL C 149 17.65 -0.01 -18.43
N ALA C 150 18.11 -1.20 -18.80
CA ALA C 150 19.04 -1.97 -17.96
C ALA C 150 20.33 -1.20 -17.75
N ASP C 151 20.82 -0.61 -18.83
CA ASP C 151 22.03 0.19 -18.78
C ASP C 151 21.77 1.46 -17.93
N ALA C 152 20.61 2.08 -18.13
CA ALA C 152 20.29 3.29 -17.38
C ALA C 152 20.22 3.04 -15.87
N LEU C 153 19.65 1.90 -15.49
CA LEU C 153 19.57 1.55 -14.06
C LEU C 153 20.93 1.24 -13.47
N ALA C 154 21.76 0.55 -14.22
CA ALA C 154 23.09 0.19 -13.76
C ALA C 154 23.92 1.42 -13.50
N GLU C 155 23.88 2.36 -14.45
CA GLU C 155 24.71 3.55 -14.38
C GLU C 155 24.16 4.47 -13.28
N ARG C 156 22.87 4.31 -12.97
CA ARG C 156 22.18 5.16 -12.01
C ARG C 156 22.64 4.90 -10.57
N PHE C 157 23.03 3.66 -10.31
CA PHE C 157 23.42 3.23 -8.97
C PHE C 157 24.93 3.12 -8.89
N LYS C 158 25.58 4.04 -9.59
CA LYS C 158 27.03 4.20 -9.52
C LYS C 158 27.41 5.65 -9.23
#